data_5LPL
#
_entry.id   5LPL
#
_cell.length_a   88.838
_cell.length_b   35.438
_cell.length_c   40.503
_cell.angle_alpha   90.000
_cell.angle_beta   93.580
_cell.angle_gamma   90.000
#
_symmetry.space_group_name_H-M   'C 1 2 1'
#
loop_
_entity.id
_entity.type
_entity.pdbx_description
1 polymer 'CREB-binding protein'
2 non-polymer ~{N}-[(1~{R},2~{R})-7-chloranyl-2-oxidanyl-1,2,3,4-tetrahydronaphthalen-1-yl]-4-ethanoyl-3-ethyl-5-methyl-1~{H}-pyrrole-2-carboxamide
3 water water
#
_entity_poly.entity_id   1
_entity_poly.type   'polypeptide(L)'
_entity_poly.pdbx_seq_one_letter_code
;SMRKKIFKPEELRQALMPTLEALYRQDPESLPFRQPVDPQLLGIPDYFDIVKNPMDLSTIKRKLDTGQYQEPWQYVDDVW
LMFNNAWLYNRKTSRVYKFCSKLAEVFEQEIDPVMQSLG
;
_entity_poly.pdbx_strand_id   A
#
loop_
_chem_comp.id
_chem_comp.type
_chem_comp.name
_chem_comp.formula
71X non-polymer ~{N}-[(1~{R},2~{R})-7-chloranyl-2-oxidanyl-1,2,3,4-tetrahydronaphthalen-1-yl]-4-ethanoyl-3-ethyl-5-methyl-1~{H}-pyrrole-2-carboxamide 'C20 H23 Cl N2 O3'
#
# COMPACT_ATOMS: atom_id res chain seq x y z
N SER A 1 13.26 -5.42 20.90
CA SER A 1 11.95 -5.51 20.26
C SER A 1 10.82 -5.29 21.24
N MET A 2 11.14 -5.02 22.51
CA MET A 2 10.11 -4.65 23.48
C MET A 2 9.97 -3.15 23.65
N ARG A 3 10.99 -2.37 23.29
CA ARG A 3 10.94 -0.92 23.40
C ARG A 3 10.48 -0.34 22.07
N LYS A 4 9.30 0.28 22.07
CA LYS A 4 8.73 0.90 20.88
C LYS A 4 8.99 2.40 20.96
N LYS A 5 9.92 2.88 20.14
CA LYS A 5 10.22 4.31 20.13
C LYS A 5 9.08 5.09 19.50
N ILE A 6 9.11 6.41 19.70
CA ILE A 6 8.06 7.30 19.26
C ILE A 6 8.45 7.93 17.94
N PHE A 7 7.49 7.97 17.00
CA PHE A 7 7.71 8.58 15.70
C PHE A 7 6.75 9.75 15.53
N LYS A 8 7.29 10.92 15.21
CA LYS A 8 6.45 12.07 14.90
C LYS A 8 5.84 11.89 13.51
N PRO A 9 4.60 12.31 13.30
CA PRO A 9 3.96 12.08 11.99
C PRO A 9 4.71 12.73 10.83
N GLU A 10 5.24 13.93 11.04
CA GLU A 10 5.97 14.61 9.98
C GLU A 10 7.27 13.90 9.63
N GLU A 11 7.91 13.25 10.62
CA GLU A 11 9.11 12.48 10.35
C GLU A 11 8.79 11.23 9.54
N LEU A 12 7.77 10.48 9.96
CA LEU A 12 7.34 9.32 9.19
C LEU A 12 7.00 9.72 7.76
N ARG A 13 6.32 10.85 7.60
CA ARG A 13 5.93 11.27 6.27
C ARG A 13 7.15 11.53 5.40
N GLN A 14 8.12 12.30 5.94
CA GLN A 14 9.33 12.59 5.18
C GLN A 14 10.05 11.31 4.79
N ALA A 15 10.11 10.33 5.69
CA ALA A 15 10.87 9.12 5.43
C ALA A 15 10.14 8.16 4.51
N LEU A 16 8.82 8.07 4.66
CA LEU A 16 8.07 7.04 3.97
C LEU A 16 7.47 7.51 2.65
N MET A 17 7.27 8.81 2.48
CA MET A 17 6.61 9.25 1.25
C MET A 17 7.38 8.84 0.01
N PRO A 18 8.72 8.88 -0.02
CA PRO A 18 9.42 8.44 -1.24
C PRO A 18 9.15 6.99 -1.61
N THR A 19 8.85 6.12 -0.63
CA THR A 19 8.52 4.75 -0.99
C THR A 19 7.14 4.67 -1.63
N LEU A 20 6.21 5.50 -1.17
CA LEU A 20 4.92 5.56 -1.82
C LEU A 20 5.02 6.20 -3.19
N GLU A 21 5.80 7.27 -3.32
CA GLU A 21 6.01 7.87 -4.63
C GLU A 21 6.60 6.86 -5.60
N ALA A 22 7.45 5.96 -5.13
CA ALA A 22 8.00 4.94 -6.02
C ALA A 22 6.89 4.07 -6.60
N LEU A 23 5.86 3.80 -5.80
CA LEU A 23 4.74 3.01 -6.31
C LEU A 23 3.91 3.79 -7.31
N TYR A 24 3.60 5.05 -6.98
CA TYR A 24 2.86 5.91 -7.92
C TYR A 24 3.60 6.06 -9.23
N ARG A 25 4.93 6.09 -9.19
CA ARG A 25 5.71 6.29 -10.40
C ARG A 25 5.58 5.11 -11.37
N GLN A 26 5.14 3.95 -10.91
CA GLN A 26 5.02 2.80 -11.81
C GLN A 26 3.79 2.97 -12.67
N ASP A 27 3.98 3.01 -13.97
CA ASP A 27 2.90 3.32 -14.88
C ASP A 27 3.10 2.42 -16.07
N PRO A 28 2.10 1.59 -16.41
CA PRO A 28 0.70 1.55 -15.95
C PRO A 28 0.45 0.78 -14.65
N GLU A 29 1.48 0.18 -14.05
CA GLU A 29 1.24 -0.78 -12.97
C GLU A 29 0.53 -0.18 -11.76
N SER A 30 0.71 1.11 -11.47
CA SER A 30 0.00 1.62 -10.30
C SER A 30 -1.44 2.02 -10.59
N LEU A 31 -1.84 2.10 -11.86
CA LEU A 31 -3.13 2.69 -12.19
C LEU A 31 -4.30 2.03 -11.47
N PRO A 32 -4.38 0.69 -11.36
CA PRO A 32 -5.52 0.08 -10.66
C PRO A 32 -5.49 0.29 -9.17
N PHE A 33 -4.43 0.88 -8.63
CA PHE A 33 -4.27 1.03 -7.19
C PHE A 33 -4.33 2.48 -6.73
N ARG A 34 -4.50 3.43 -7.65
CA ARG A 34 -4.46 4.84 -7.28
C ARG A 34 -5.76 5.34 -6.66
N GLN A 35 -6.82 4.53 -6.67
CA GLN A 35 -8.11 4.90 -6.10
C GLN A 35 -8.71 3.64 -5.51
N PRO A 36 -9.66 3.78 -4.58
CA PRO A 36 -10.27 2.58 -3.99
C PRO A 36 -11.04 1.79 -5.04
N VAL A 37 -11.07 0.48 -4.86
CA VAL A 37 -11.93 -0.35 -5.70
C VAL A 37 -13.36 0.11 -5.49
N ASP A 38 -14.09 0.31 -6.60
CA ASP A 38 -15.50 0.66 -6.54
C ASP A 38 -16.31 -0.52 -7.08
N PRO A 39 -16.79 -1.43 -6.22
CA PRO A 39 -17.46 -2.63 -6.74
C PRO A 39 -18.73 -2.33 -7.51
N GLN A 40 -19.36 -1.19 -7.22
CA GLN A 40 -20.54 -0.80 -7.98
C GLN A 40 -20.17 -0.46 -9.42
N LEU A 41 -19.20 0.43 -9.60
CA LEU A 41 -18.75 0.80 -10.93
C LEU A 41 -18.19 -0.42 -11.68
N LEU A 42 -17.43 -1.26 -10.99
CA LEU A 42 -16.77 -2.39 -11.64
C LEU A 42 -17.67 -3.61 -11.82
N GLY A 43 -18.85 -3.61 -11.21
CA GLY A 43 -19.75 -4.73 -11.36
C GLY A 43 -19.29 -5.99 -10.66
N ILE A 44 -18.69 -5.83 -9.47
CA ILE A 44 -18.19 -6.98 -8.72
C ILE A 44 -18.73 -6.91 -7.31
N PRO A 45 -20.04 -7.08 -7.12
CA PRO A 45 -20.63 -6.89 -5.78
C PRO A 45 -20.05 -7.80 -4.73
N ASP A 46 -19.41 -8.91 -5.11
CA ASP A 46 -18.83 -9.82 -4.13
C ASP A 46 -17.48 -9.34 -3.62
N TYR A 47 -16.98 -8.20 -4.10
CA TYR A 47 -15.64 -7.79 -3.74
C TYR A 47 -15.50 -7.62 -2.23
N PHE A 48 -16.43 -6.90 -1.61
CA PHE A 48 -16.34 -6.65 -0.17
C PHE A 48 -16.64 -7.89 0.65
N ASP A 49 -17.29 -8.89 0.07
CA ASP A 49 -17.47 -10.17 0.76
C ASP A 49 -16.13 -10.87 0.94
N ILE A 50 -15.25 -10.76 -0.06
CA ILE A 50 -13.97 -11.46 -0.05
C ILE A 50 -12.88 -10.60 0.59
N VAL A 51 -12.87 -9.31 0.26
CA VAL A 51 -11.86 -8.37 0.75
C VAL A 51 -12.47 -7.59 1.89
N LYS A 52 -12.16 -7.99 3.12
CA LYS A 52 -12.81 -7.38 4.28
C LYS A 52 -12.23 -6.00 4.59
N ASN A 53 -10.97 -5.75 4.25
CA ASN A 53 -10.32 -4.49 4.58
C ASN A 53 -9.69 -3.92 3.33
N PRO A 54 -10.46 -3.18 2.54
CA PRO A 54 -9.92 -2.61 1.31
C PRO A 54 -8.81 -1.62 1.60
N MET A 55 -7.87 -1.52 0.66
CA MET A 55 -6.78 -0.58 0.79
C MET A 55 -6.29 -0.22 -0.60
N ASP A 56 -5.84 1.03 -0.77
CA ASP A 56 -5.29 1.48 -2.04
C ASP A 56 -4.31 2.61 -1.76
N LEU A 57 -3.61 3.02 -2.82
CA LEU A 57 -2.54 4.01 -2.66
C LEU A 57 -3.08 5.33 -2.14
N SER A 58 -4.25 5.75 -2.62
CA SER A 58 -4.79 7.03 -2.18
C SER A 58 -5.15 7.02 -0.70
N THR A 59 -5.57 5.86 -0.18
CA THR A 59 -5.88 5.73 1.23
C THR A 59 -4.60 5.77 2.06
N ILE A 60 -3.58 5.05 1.60
CA ILE A 60 -2.27 5.07 2.26
C ILE A 60 -1.71 6.48 2.27
N LYS A 61 -1.78 7.16 1.12
CA LYS A 61 -1.31 8.54 1.06
C LYS A 61 -2.06 9.41 2.07
N ARG A 62 -3.38 9.25 2.16
CA ARG A 62 -4.15 10.08 3.08
C ARG A 62 -3.75 9.80 4.53
N LYS A 63 -3.55 8.52 4.87
CA LYS A 63 -3.14 8.17 6.22
C LYS A 63 -1.76 8.74 6.55
N LEU A 64 -0.82 8.70 5.60
CA LEU A 64 0.45 9.37 5.81
C LEU A 64 0.26 10.88 5.98
N ASP A 65 -0.48 11.51 5.07
CA ASP A 65 -0.65 12.96 5.11
C ASP A 65 -1.38 13.42 6.36
N THR A 66 -2.23 12.58 6.95
CA THR A 66 -3.05 13.02 8.08
C THR A 66 -2.53 12.49 9.41
N GLY A 67 -1.38 11.82 9.41
CA GLY A 67 -0.73 11.45 10.64
C GLY A 67 -1.36 10.26 11.33
N GLN A 68 -1.93 9.32 10.57
CA GLN A 68 -2.62 8.19 11.14
C GLN A 68 -1.71 6.99 11.40
N TYR A 69 -0.45 7.05 10.99
CA TYR A 69 0.50 5.98 11.28
C TYR A 69 1.33 6.39 12.48
N GLN A 70 1.35 5.55 13.52
CA GLN A 70 2.16 5.81 14.69
C GLN A 70 3.56 5.24 14.56
N GLU A 71 3.72 4.20 13.75
CA GLU A 71 4.97 3.50 13.58
C GLU A 71 5.08 3.05 12.13
N PRO A 72 6.29 2.90 11.61
CA PRO A 72 6.44 2.61 10.18
C PRO A 72 5.88 1.25 9.77
N TRP A 73 5.87 0.26 10.67
CA TRP A 73 5.30 -1.03 10.29
C TRP A 73 3.81 -0.94 10.01
N GLN A 74 3.11 0.05 10.57
CA GLN A 74 1.70 0.19 10.24
C GLN A 74 1.52 0.59 8.78
N TYR A 75 2.46 1.38 8.25
CA TYR A 75 2.46 1.74 6.84
C TYR A 75 2.81 0.54 5.97
N VAL A 76 3.84 -0.20 6.35
CA VAL A 76 4.20 -1.40 5.60
C VAL A 76 3.04 -2.37 5.56
N ASP A 77 2.32 -2.48 6.68
CA ASP A 77 1.21 -3.42 6.75
C ASP A 77 0.08 -3.00 5.79
N ASP A 78 -0.16 -1.70 5.66
CA ASP A 78 -1.22 -1.26 4.74
C ASP A 78 -0.82 -1.50 3.29
N VAL A 79 0.45 -1.28 2.96
CA VAL A 79 0.90 -1.54 1.60
C VAL A 79 0.70 -3.01 1.27
N TRP A 80 1.09 -3.89 2.21
CA TRP A 80 0.95 -5.32 1.99
C TRP A 80 -0.51 -5.76 2.02
N LEU A 81 -1.36 -5.06 2.77
CA LEU A 81 -2.79 -5.35 2.72
C LEU A 81 -3.32 -5.11 1.31
N MET A 82 -2.94 -3.98 0.71
CA MET A 82 -3.30 -3.70 -0.67
C MET A 82 -2.83 -4.80 -1.61
N PHE A 83 -1.58 -5.24 -1.47
CA PHE A 83 -1.10 -6.35 -2.30
C PHE A 83 -1.90 -7.62 -2.06
N ASN A 84 -2.08 -8.00 -0.78
CA ASN A 84 -2.71 -9.29 -0.51
C ASN A 84 -4.17 -9.29 -0.95
N ASN A 85 -4.85 -8.14 -0.84
CA ASN A 85 -6.22 -8.05 -1.35
C ASN A 85 -6.26 -8.36 -2.85
N ALA A 86 -5.34 -7.75 -3.62
CA ALA A 86 -5.36 -7.96 -5.07
C ALA A 86 -4.99 -9.40 -5.43
N TRP A 87 -4.01 -10.00 -4.74
CA TRP A 87 -3.66 -11.38 -5.03
C TRP A 87 -4.75 -12.34 -4.60
N LEU A 88 -5.54 -11.97 -3.59
CA LEU A 88 -6.64 -12.83 -3.14
C LEU A 88 -7.82 -12.78 -4.10
N TYR A 89 -8.16 -11.59 -4.58
CA TYR A 89 -9.40 -11.47 -5.33
C TYR A 89 -9.26 -11.80 -6.80
N ASN A 90 -8.13 -11.44 -7.41
CA ASN A 90 -8.02 -11.43 -8.86
C ASN A 90 -7.36 -12.71 -9.38
N ARG A 91 -7.74 -13.07 -10.60
CA ARG A 91 -7.14 -14.21 -11.28
C ARG A 91 -5.71 -13.88 -11.69
N LYS A 92 -4.88 -14.91 -11.79
CA LYS A 92 -3.45 -14.71 -12.05
C LYS A 92 -3.18 -14.15 -13.42
N THR A 93 -4.11 -14.28 -14.36
CA THR A 93 -3.94 -13.71 -15.70
C THR A 93 -4.37 -12.25 -15.78
N SER A 94 -4.96 -11.71 -14.74
CA SER A 94 -5.54 -10.37 -14.81
C SER A 94 -4.45 -9.31 -14.78
N ARG A 95 -4.74 -8.15 -15.39
CA ARG A 95 -3.83 -7.02 -15.29
C ARG A 95 -3.58 -6.65 -13.83
N VAL A 96 -4.63 -6.63 -13.01
CA VAL A 96 -4.43 -6.18 -11.63
C VAL A 96 -3.48 -7.11 -10.91
N TYR A 97 -3.62 -8.41 -11.11
CA TYR A 97 -2.78 -9.35 -10.40
C TYR A 97 -1.32 -9.17 -10.80
N LYS A 98 -1.06 -9.09 -12.10
CA LYS A 98 0.30 -8.93 -12.58
C LYS A 98 0.88 -7.57 -12.20
N PHE A 99 0.06 -6.52 -12.27
CA PHE A 99 0.54 -5.21 -11.85
C PHE A 99 0.88 -5.20 -10.37
N CYS A 100 0.04 -5.86 -9.57
CA CYS A 100 0.32 -6.00 -8.14
C CYS A 100 1.68 -6.63 -7.92
N SER A 101 1.96 -7.72 -8.62
CA SER A 101 3.24 -8.41 -8.44
C SER A 101 4.41 -7.49 -8.76
N LYS A 102 4.26 -6.62 -9.76
CA LYS A 102 5.33 -5.69 -10.08
C LYS A 102 5.51 -4.65 -8.98
N LEU A 103 4.40 -4.13 -8.46
CA LEU A 103 4.50 -3.16 -7.38
C LEU A 103 5.17 -3.77 -6.15
N ALA A 104 4.90 -5.04 -5.87
CA ALA A 104 5.50 -5.65 -4.68
C ALA A 104 7.01 -5.80 -4.86
N GLU A 105 7.44 -6.05 -6.10
CA GLU A 105 8.88 -6.06 -6.40
C GLU A 105 9.49 -4.70 -6.13
N VAL A 106 8.88 -3.66 -6.68
CA VAL A 106 9.36 -2.30 -6.51
C VAL A 106 9.41 -1.93 -5.04
N PHE A 107 8.32 -2.20 -4.32
CA PHE A 107 8.23 -1.72 -2.95
C PHE A 107 9.26 -2.37 -2.05
N GLU A 108 9.52 -3.67 -2.24
CA GLU A 108 10.46 -4.33 -1.34
C GLU A 108 11.85 -3.72 -1.46
N GLN A 109 12.22 -3.26 -2.66
CA GLN A 109 13.51 -2.61 -2.83
C GLN A 109 13.54 -1.24 -2.18
N GLU A 110 12.45 -0.48 -2.32
CA GLU A 110 12.44 0.87 -1.78
C GLU A 110 12.37 0.87 -0.26
N ILE A 111 11.57 -0.04 0.31
CA ILE A 111 11.25 0.07 1.73
C ILE A 111 12.40 -0.41 2.62
N ASP A 112 13.27 -1.29 2.10
CA ASP A 112 14.29 -1.90 2.96
C ASP A 112 15.24 -0.87 3.57
N PRO A 113 15.93 -0.02 2.81
CA PRO A 113 16.83 0.95 3.46
C PRO A 113 16.09 1.95 4.32
N VAL A 114 14.82 2.23 4.01
CA VAL A 114 14.10 3.20 4.84
C VAL A 114 13.80 2.60 6.21
N MET A 115 13.38 1.33 6.25
CA MET A 115 13.07 0.73 7.55
C MET A 115 14.33 0.54 8.38
N GLN A 116 15.45 0.22 7.74
CA GLN A 116 16.72 0.18 8.46
C GLN A 116 17.05 1.52 9.08
N SER A 117 16.72 2.62 8.37
CA SER A 117 17.08 3.94 8.86
C SER A 117 16.12 4.42 9.95
N LEU A 118 14.88 3.95 9.95
CA LEU A 118 13.93 4.36 10.97
C LEU A 118 14.09 3.56 12.26
N GLY A 119 14.47 2.29 12.17
CA GLY A 119 14.61 1.46 13.35
C GLY A 119 13.28 1.16 14.02
N1 71X B . -8.24 -2.23 -9.03
N1 71X B . -8.40 -2.32 -9.22
C4 71X B . -6.85 1.28 -14.49
C4 71X B . -6.53 1.38 -14.78
C5 71X B . -6.12 0.15 -14.82
C5 71X B . -5.93 0.17 -15.07
C6 71X B . -6.65 -1.09 -14.54
C6 71X B . -6.47 -0.98 -14.55
C7 71X B . -7.89 -1.23 -13.95
C7 71X B . -7.60 -0.95 -13.76
C8 71X B . -8.64 -0.10 -13.64
C8 71X B . -8.21 0.26 -13.46
C10 71X B . -9.21 -1.27 -10.98
C10 71X B . -9.67 -1.87 -11.35
C13 71X B . -10.84 -4.28 -10.72
C13 71X B . -10.92 -4.66 -10.58
C15 71X B . -9.22 -4.20 -8.65
C15 71X B . -9.23 -4.30 -8.60
C17 71X B . -10.81 -6.10 -7.92
C17 71X B . -10.72 -6.18 -7.69
O2 71X B . -8.62 -5.87 -7.12
O2 71X B . -8.51 -5.81 -6.97
C16 71X B . -9.48 -5.42 -7.87
C16 71X B . -9.41 -5.45 -7.72
C19 71X B . -7.32 -3.38 -7.02
C19 71X B . -7.32 -3.20 -7.15
C18 71X B . -8.26 -3.31 -8.18
C18 71X B . -8.32 -3.30 -8.26
C14 71X B . -10.32 -5.43 -11.56
C14 71X B . -10.34 -5.56 -11.65
O1 71X B . -8.60 -0.24 -10.72
O1 71X B . -10.32 -2.36 -12.27
C11 71X B . -9.12 -2.43 -10.07
C11 71X B . -9.31 -2.68 -10.18
C9 71X B . -10.02 -0.32 -13.06
C9 71X B . -9.43 0.21 -12.57
C3 71X B . -8.11 1.17 -13.90
C3 71X B . -7.67 1.45 -13.99
C2 71X B . -8.87 2.42 -13.54
C2 71X B . -8.34 2.77 -13.72
C1 71X B . -10.36 2.16 -13.36
C1 71X B . -9.80 2.59 -13.32
C12 71X B . -9.77 -3.65 -9.86
C12 71X B . -9.86 -3.90 -9.84
N 71X B . -9.99 -1.38 -12.07
N 71X B . -9.18 -0.62 -11.41
C 71X B . -10.57 0.98 -12.43
C 71X B . -9.89 1.63 -12.16
O 71X B . -11.96 0.82 -12.15
O 71X B . -11.23 1.56 -11.69
CL 71X B . -5.71 -2.52 -14.89
CL 71X B . -5.72 -2.52 -14.91
H2 71X B . -7.65 -1.42 -8.90
H2 71X B . -7.86 -1.46 -9.19
H8 71X B . -6.44 2.26 -14.71
H8 71X B . -6.11 2.30 -15.19
H9 71X B . -5.14 0.24 -15.29
H9 71X B . -5.04 0.13 -15.70
H10 71X B . -8.28 -2.23 -13.75
H10 71X B . -8.00 -1.89 -13.37
H12 71X B . -11.26 -3.53 -11.38
H12 71X B . -11.61 -3.95 -11.05
H13 71X B . -11.67 -4.61 -10.08
H13 71X B . -11.53 -5.24 -9.90
H17 71X B . -11.60 -5.42 -8.26
H17 71X B . -11.55 -5.53 -7.96
H19 71X B . -11.11 -6.47 -6.94
H19 71X B . -10.94 -6.57 -6.69
H18 71X B . -10.80 -6.94 -8.60
H18 71X B . -10.73 -7.02 -8.37
H20 71X B . -6.97 -2.38 -6.75
H20 71X B . -7.06 -2.16 -6.96
H21 71X B . -6.44 -3.95 -7.28
H21 71X B . -6.38 -3.70 -7.43
H22 71X B . -7.76 -3.83 -6.12
H22 71X B . -7.65 -3.65 -6.22
H16 71X B . -9.53 -5.13 -12.24
H16 71X B . -9.78 -4.99 -12.39
H14 71X B . -9.92 -6.23 -10.93
H14 71X B . -9.67 -6.29 -11.22
H15 71X B . -11.11 -5.89 -12.17
H15 71X B . -11.11 -6.10 -12.20
H11 71X B . -10.69 -0.62 -13.85
H11 71X B . -10.24 -0.24 -13.14
H7 71X B . -8.46 2.85 -12.63
H7 71X B . -7.80 3.31 -12.95
H6 71X B . -8.70 3.16 -14.31
H6 71X B . -8.26 3.38 -14.62
H4 71X B . -10.87 3.04 -12.97
H4 71X B . -10.24 3.55 -13.05
H5 71X B . -10.83 1.99 -14.33
H5 71X B . -10.39 2.24 -14.17
H1 71X B . -10.58 -2.19 -12.26
H1 71X B . -8.63 -0.20 -10.67
H3 71X B . -10.07 1.19 -11.48
H3 71X B . -9.28 1.99 -11.33
H 71X B . -12.35 0.39 -12.96
H 71X B . -11.72 1.03 -12.38
#